data_4AQS
#
_entry.id   4AQS
#
_cell.length_a   143.990
_cell.length_b   152.950
_cell.length_c   92.985
_cell.angle_alpha   90.00
_cell.angle_beta   90.00
_cell.angle_gamma   90.00
#
_symmetry.space_group_name_H-M   'C 2 2 21'
#
loop_
_entity.id
_entity.type
_entity.pdbx_description
1 polymer 'LAMININ SUBUNIT BETA-1'
2 branched alpha-D-mannopyranose-(1-3)-beta-D-mannopyranose-(1-4)-2-acetamido-2-deoxy-beta-D-glucopyranose-(1-4)-[beta-L-fucopyranose-(1-6)]2-acetamido-2-deoxy-beta-D-glucopyranose
3 non-polymer 2-acetamido-2-deoxy-beta-D-glucopyranose
#
_entity_poly.entity_id   1
_entity_poly.type   'polypeptide(L)'
_entity_poly.pdbx_seq_one_letter_code
;APLAQEPEFSYGCAEGSCYPATGDLLIGRAQKLSVTSTCGLHKPEPYCIVSHLQEDKKCFICDSRDPYHETLNPDSHLIE
NVVTTFAPNRLKIWWQSENGVENVTIQLDLEAEFHFTHLIMTFKTFRPAAMLIERSSDFGKAWGVYRYFAYDCESSFPGI
STGPMKKVDDIICDSRYSDIEPSTEGEVIFRALDPAFKIEDPYSPRIQNLLKITNLRIKFVKLHTLGDNLLDSRMEIREK
YYYAVYDMVVRGNCFCYGHASECAPVDGVNEEVEGMVHGHCMCRHNTKGLNCELCMDFYHDLPWRPAEGRNSNACKKCNC
NEHSSSCHFDMAVFLATGNVSGGVCDNCQHNTMGRNCEQCKPFYFQHPERDIRDPNLCEPCTCDPAGSENGGICDGYTDF
SVGLIAGQCRCKLHVEGERCDVCKEGFYDLSAEDPYGCKSCACNPLGTIPGGNPCDSETGYCYCKRLVTGQRCDQCLPQH
WGLSNDLDGCRPCDCDLGGALNNSCSEDSGQCSCLPHMIGRQCNE
;
_entity_poly.pdbx_strand_id   A
#
# COMPACT_ATOMS: atom_id res chain seq x y z
N GLY A 12 -2.37 8.86 22.49
CA GLY A 12 -3.33 7.98 21.73
C GLY A 12 -3.45 8.34 20.26
N CYS A 13 -3.93 7.42 19.44
CA CYS A 13 -4.08 7.71 18.02
C CYS A 13 -5.12 8.80 17.86
N ALA A 14 -6.00 8.91 18.83
CA ALA A 14 -7.03 9.93 18.79
C ALA A 14 -6.40 11.26 19.14
N GLU A 15 -5.11 11.39 18.87
CA GLU A 15 -4.40 12.64 19.18
C GLU A 15 -3.14 12.89 18.37
N GLY A 16 -2.90 12.07 17.36
CA GLY A 16 -1.72 12.25 16.54
C GLY A 16 -1.18 10.92 16.09
N SER A 17 0.11 10.86 15.78
CA SER A 17 0.72 9.61 15.37
C SER A 17 0.73 8.66 16.58
N CYS A 18 0.80 7.36 16.29
CA CYS A 18 0.81 6.32 17.33
C CYS A 18 1.40 5.03 16.74
N TYR A 19 2.07 4.24 17.57
CA TYR A 19 2.67 2.99 17.08
C TYR A 19 2.49 1.83 18.05
N PRO A 20 2.49 0.59 17.53
CA PRO A 20 2.33 -0.60 18.36
C PRO A 20 3.60 -0.81 19.17
N ALA A 21 3.49 -1.59 20.24
CA ALA A 21 4.65 -1.87 21.09
C ALA A 21 5.70 -2.73 20.37
N THR A 22 6.94 -2.64 20.82
CA THR A 22 8.00 -3.43 20.21
C THR A 22 8.08 -4.76 20.99
N GLY A 23 8.78 -5.74 20.44
CA GLY A 23 8.89 -7.01 21.12
C GLY A 23 9.76 -8.08 20.47
N ASP A 24 9.67 -9.29 21.01
CA ASP A 24 10.42 -10.42 20.48
C ASP A 24 9.56 -11.14 19.44
N LEU A 25 10.03 -11.16 18.21
CA LEU A 25 9.29 -11.80 17.15
C LEU A 25 9.21 -13.31 17.34
N LEU A 26 10.25 -13.89 17.91
CA LEU A 26 10.27 -15.33 18.13
C LEU A 26 9.22 -15.81 19.10
N ILE A 27 8.89 -15.03 20.13
CA ILE A 27 7.84 -15.48 21.06
C ILE A 27 6.56 -15.88 20.33
N GLY A 28 5.90 -16.90 20.83
CA GLY A 28 4.68 -17.35 20.20
C GLY A 28 4.86 -17.90 18.80
N ARG A 29 6.05 -17.80 18.23
CA ARG A 29 6.31 -18.29 16.87
C ARG A 29 7.38 -19.38 16.80
N ALA A 30 7.52 -20.17 17.86
CA ALA A 30 8.54 -21.22 17.89
C ALA A 30 8.47 -22.17 16.69
N GLN A 31 7.28 -22.68 16.37
CA GLN A 31 7.13 -23.62 15.27
C GLN A 31 7.48 -23.07 13.90
N LYS A 32 7.96 -21.84 13.86
CA LYS A 32 8.32 -21.22 12.59
C LYS A 32 9.83 -21.26 12.33
N LEU A 33 10.58 -21.85 13.27
CA LEU A 33 12.03 -21.97 13.14
C LEU A 33 12.45 -23.28 12.47
N SER A 34 13.34 -23.20 11.48
CA SER A 34 13.79 -24.40 10.79
C SER A 34 15.31 -24.46 10.59
N VAL A 35 15.92 -25.58 10.98
CA VAL A 35 17.36 -25.76 10.88
C VAL A 35 17.81 -26.68 9.78
N THR A 36 19.12 -26.79 9.63
CA THR A 36 19.75 -27.62 8.62
C THR A 36 20.40 -28.87 9.21
N SER A 37 20.90 -28.72 10.44
CA SER A 37 21.57 -29.80 11.14
C SER A 37 21.12 -29.78 12.61
N THR A 38 21.00 -30.96 13.21
CA THR A 38 20.58 -31.08 14.62
C THR A 38 21.05 -32.43 15.17
N CYS A 39 21.99 -32.44 16.12
CA CYS A 39 22.45 -33.73 16.63
C CYS A 39 21.30 -34.51 17.23
N GLY A 40 21.42 -35.84 17.14
CA GLY A 40 20.40 -36.73 17.70
C GLY A 40 18.99 -36.72 17.14
N LEU A 41 18.84 -36.54 15.83
CA LEU A 41 17.51 -36.54 15.21
C LEU A 41 16.93 -37.95 15.09
N HIS A 42 17.64 -38.82 14.40
CA HIS A 42 17.18 -40.18 14.21
C HIS A 42 17.63 -41.07 15.39
N LYS A 43 18.90 -41.42 15.44
CA LYS A 43 19.40 -42.24 16.53
C LYS A 43 20.53 -41.56 17.26
N PRO A 44 20.51 -41.62 18.60
CA PRO A 44 21.51 -41.04 19.52
C PRO A 44 22.93 -40.86 19.01
N GLU A 45 23.44 -39.64 19.18
CA GLU A 45 24.79 -39.28 18.78
C GLU A 45 25.44 -38.71 20.05
N PRO A 46 26.76 -38.86 20.20
CA PRO A 46 27.40 -38.32 21.40
C PRO A 46 28.19 -37.04 21.09
N TYR A 47 28.54 -36.30 22.13
CA TYR A 47 29.31 -35.06 21.95
C TYR A 47 30.12 -34.73 23.19
N CYS A 48 31.05 -33.79 23.06
CA CYS A 48 31.89 -33.37 24.19
C CYS A 48 31.94 -31.85 24.33
N ILE A 49 32.16 -31.42 25.57
CA ILE A 49 32.24 -30.01 25.92
C ILE A 49 33.67 -29.63 26.33
N VAL A 50 34.49 -29.25 25.36
CA VAL A 50 35.86 -28.85 25.70
C VAL A 50 35.75 -27.60 26.57
N SER A 51 36.84 -27.26 27.25
CA SER A 51 36.85 -26.09 28.13
C SER A 51 37.81 -24.98 27.67
N HIS A 52 38.71 -24.54 28.56
CA HIS A 52 39.67 -23.49 28.25
C HIS A 52 41.02 -24.09 27.81
N LEU A 53 41.25 -24.06 26.49
CA LEU A 53 42.49 -24.58 25.86
C LEU A 53 42.65 -26.10 25.94
N GLN A 54 41.54 -26.80 26.14
CA GLN A 54 41.51 -28.27 26.24
C GLN A 54 42.03 -28.83 27.57
N GLU A 55 41.68 -28.17 28.67
CA GLU A 55 42.11 -28.60 29.99
C GLU A 55 41.52 -29.98 30.30
N ASP A 56 40.22 -30.10 30.09
CA ASP A 56 39.49 -31.34 30.32
C ASP A 56 38.25 -31.33 29.43
N LYS A 57 37.63 -32.49 29.27
CA LYS A 57 36.44 -32.60 28.45
C LYS A 57 35.47 -33.65 29.00
N LYS A 58 34.20 -33.28 29.11
CA LYS A 58 33.17 -34.17 29.59
C LYS A 58 32.21 -34.38 28.42
N CYS A 59 31.75 -35.60 28.21
CA CYS A 59 30.89 -35.86 27.07
C CYS A 59 29.53 -36.41 27.47
N PHE A 60 28.54 -36.16 26.63
CA PHE A 60 27.17 -36.63 26.85
C PHE A 60 26.55 -37.14 25.55
N ILE A 61 25.27 -37.52 25.62
CA ILE A 61 24.56 -37.99 24.44
C ILE A 61 23.45 -37.04 24.03
N CYS A 62 23.19 -36.98 22.74
CA CYS A 62 22.20 -36.08 22.18
C CYS A 62 21.04 -36.87 21.58
N ASP A 63 19.96 -37.05 22.34
CA ASP A 63 18.80 -37.78 21.83
C ASP A 63 17.69 -36.79 21.49
N SER A 64 17.78 -36.22 20.29
CA SER A 64 16.81 -35.22 19.83
C SER A 64 15.80 -35.80 18.85
N ARG A 65 14.91 -36.65 19.35
CA ARG A 65 13.88 -37.24 18.49
C ARG A 65 12.55 -37.07 19.19
N ASP A 66 12.58 -36.35 20.31
CA ASP A 66 11.38 -36.07 21.08
C ASP A 66 11.48 -34.78 21.90
N PRO A 67 10.52 -33.87 21.71
CA PRO A 67 10.45 -32.57 22.41
C PRO A 67 10.95 -32.62 23.84
N TYR A 68 11.96 -31.81 24.11
CA TYR A 68 12.56 -31.72 25.44
C TYR A 68 11.56 -31.72 26.57
N HIS A 69 11.99 -32.27 27.70
CA HIS A 69 11.21 -32.33 28.93
C HIS A 69 12.26 -32.47 30.01
N GLU A 70 12.11 -31.76 31.13
CA GLU A 70 13.13 -31.87 32.17
C GLU A 70 13.24 -33.26 32.82
N THR A 71 12.11 -33.95 32.97
CA THR A 71 12.11 -35.25 33.63
C THR A 71 11.71 -36.45 32.76
N LEU A 72 11.99 -36.41 31.47
CA LEU A 72 11.61 -37.53 30.62
C LEU A 72 12.55 -37.67 29.44
N ASN A 73 12.88 -36.55 28.83
CA ASN A 73 13.75 -36.50 27.65
C ASN A 73 14.63 -35.25 27.76
N PRO A 74 15.59 -35.23 28.72
CA PRO A 74 16.49 -34.09 28.93
C PRO A 74 17.64 -33.87 27.92
N ASP A 75 17.72 -34.69 26.88
CA ASP A 75 18.80 -34.51 25.94
C ASP A 75 18.40 -34.11 24.55
N SER A 76 17.19 -33.58 24.41
CA SER A 76 16.71 -33.15 23.10
C SER A 76 17.10 -31.70 22.91
N HIS A 77 17.65 -31.40 21.73
CA HIS A 77 18.09 -30.04 21.42
C HIS A 77 17.59 -29.55 20.06
N LEU A 78 16.29 -29.45 19.93
CA LEU A 78 15.70 -28.99 18.68
C LEU A 78 15.71 -27.47 18.63
N ILE A 79 15.64 -26.91 17.42
CA ILE A 79 15.66 -25.46 17.31
C ILE A 79 14.54 -24.76 18.06
N GLU A 80 13.36 -25.37 18.15
CA GLU A 80 12.29 -24.70 18.88
C GLU A 80 12.73 -24.32 20.30
N ASN A 81 13.94 -24.71 20.67
CA ASN A 81 14.47 -24.44 22.01
C ASN A 81 15.19 -23.12 22.21
N VAL A 82 15.21 -22.29 21.17
CA VAL A 82 15.88 -20.98 21.22
C VAL A 82 14.94 -19.90 21.80
N VAL A 83 13.65 -20.04 21.50
CA VAL A 83 12.65 -19.12 21.99
C VAL A 83 12.60 -19.26 23.50
N THR A 84 13.02 -18.23 24.23
CA THR A 84 13.02 -18.28 25.70
C THR A 84 11.65 -18.12 26.36
N THR A 85 11.66 -17.98 27.69
CA THR A 85 10.45 -17.79 28.51
C THR A 85 10.77 -17.19 29.88
N LEU A 91 16.06 -22.34 33.59
CA LEU A 91 16.76 -23.59 33.29
C LEU A 91 17.70 -23.46 32.07
N LYS A 92 18.17 -24.59 31.54
CA LYS A 92 19.08 -24.57 30.39
C LYS A 92 18.77 -25.52 29.23
N ILE A 93 18.11 -24.97 28.22
CA ILE A 93 17.71 -25.69 27.02
C ILE A 93 18.58 -25.17 25.87
N TRP A 94 18.54 -25.82 24.72
CA TRP A 94 19.32 -25.31 23.62
C TRP A 94 19.19 -26.12 22.35
N TRP A 95 19.83 -25.63 21.29
CA TRP A 95 19.82 -26.25 19.99
C TRP A 95 21.25 -26.62 19.73
N GLN A 96 21.47 -27.67 18.94
CA GLN A 96 22.85 -28.07 18.65
C GLN A 96 22.93 -28.78 17.31
N SER A 97 23.95 -28.46 16.53
CA SER A 97 24.10 -29.10 15.23
C SER A 97 24.82 -30.45 15.29
N GLU A 98 24.96 -31.09 14.14
CA GLU A 98 25.65 -32.38 14.07
C GLU A 98 27.13 -32.13 14.28
N ASN A 99 27.80 -33.03 15.00
CA ASN A 99 29.22 -32.88 15.25
C ASN A 99 30.02 -32.71 13.95
N GLY A 100 30.86 -31.68 13.92
CA GLY A 100 31.70 -31.45 12.76
C GLY A 100 31.08 -30.93 11.48
N VAL A 101 29.82 -30.52 11.50
CA VAL A 101 29.19 -29.97 10.30
C VAL A 101 29.47 -28.49 10.24
N GLU A 102 30.01 -28.02 9.13
CA GLU A 102 30.32 -26.60 9.00
C GLU A 102 29.34 -25.73 8.21
N ASN A 103 28.30 -26.35 7.65
CA ASN A 103 27.27 -25.65 6.85
C ASN A 103 25.86 -25.78 7.42
N VAL A 104 25.57 -25.01 8.46
CA VAL A 104 24.27 -25.03 9.11
C VAL A 104 23.53 -23.72 8.83
N THR A 105 22.20 -23.81 8.67
CA THR A 105 21.36 -22.62 8.41
C THR A 105 20.04 -22.60 9.20
N ILE A 106 19.80 -21.50 9.92
CA ILE A 106 18.58 -21.34 10.70
C ILE A 106 17.66 -20.40 9.92
N GLN A 107 16.35 -20.65 9.94
CA GLN A 107 15.41 -19.81 9.22
C GLN A 107 14.11 -19.52 9.98
N LEU A 108 13.77 -18.23 10.06
CA LEU A 108 12.54 -17.77 10.72
C LEU A 108 11.56 -17.36 9.63
N ASP A 109 10.30 -17.76 9.77
CA ASP A 109 9.26 -17.43 8.80
C ASP A 109 8.10 -16.66 9.41
N LEU A 110 7.87 -15.46 8.91
CA LEU A 110 6.81 -14.62 9.43
C LEU A 110 5.53 -14.69 8.58
N GLU A 111 4.39 -14.70 9.26
CA GLU A 111 3.10 -14.78 8.60
C GLU A 111 2.77 -13.47 7.89
N ALA A 112 3.17 -12.36 8.51
CA ALA A 112 2.91 -11.03 7.97
C ALA A 112 4.20 -10.40 7.46
N GLU A 113 4.32 -9.09 7.65
CA GLU A 113 5.50 -8.37 7.23
C GLU A 113 5.81 -7.45 8.40
N PHE A 114 6.97 -7.62 9.02
CA PHE A 114 7.33 -6.82 10.19
C PHE A 114 8.55 -5.94 10.04
N HIS A 115 8.82 -5.16 11.09
CA HIS A 115 9.98 -4.31 11.12
C HIS A 115 10.99 -4.90 12.10
N PHE A 116 12.23 -4.97 11.65
CA PHE A 116 13.33 -5.56 12.39
C PHE A 116 14.27 -4.61 13.14
N THR A 117 14.28 -4.67 14.47
CA THR A 117 15.17 -3.81 15.28
C THR A 117 16.58 -4.38 15.33
N HIS A 118 16.74 -5.47 16.07
CA HIS A 118 18.03 -6.15 16.19
C HIS A 118 17.90 -7.60 16.66
N LEU A 119 18.94 -8.37 16.35
CA LEU A 119 19.04 -9.79 16.67
C LEU A 119 20.10 -10.04 17.72
N ILE A 120 19.82 -10.92 18.69
CA ILE A 120 20.82 -11.23 19.72
C ILE A 120 20.95 -12.70 20.03
N MET A 121 21.93 -13.34 19.38
CA MET A 121 22.22 -14.76 19.58
C MET A 121 23.32 -14.99 20.63
N THR A 122 23.11 -15.99 21.47
CA THR A 122 24.09 -16.35 22.51
C THR A 122 24.42 -17.85 22.40
N PHE A 123 25.63 -18.16 21.97
CA PHE A 123 26.03 -19.55 21.80
C PHE A 123 26.50 -20.23 23.08
N LYS A 124 26.40 -21.56 23.12
CA LYS A 124 26.81 -22.34 24.30
C LYS A 124 28.23 -22.86 24.16
N THR A 125 28.67 -23.01 22.92
CA THR A 125 30.02 -23.49 22.65
C THR A 125 30.88 -22.30 22.26
N PHE A 126 31.22 -22.19 20.97
CA PHE A 126 32.06 -21.10 20.52
C PHE A 126 31.39 -20.45 19.34
N ARG A 127 31.02 -19.19 19.47
CA ARG A 127 30.41 -18.44 18.37
C ARG A 127 31.06 -18.83 17.04
N PRO A 128 30.28 -18.89 15.96
CA PRO A 128 30.78 -19.26 14.63
C PRO A 128 32.18 -18.78 14.31
N ALA A 129 32.84 -19.50 13.42
CA ALA A 129 34.19 -19.12 12.99
C ALA A 129 33.95 -18.03 11.97
N ALA A 130 32.82 -18.16 11.27
CA ALA A 130 32.37 -17.22 10.25
C ALA A 130 30.90 -17.52 9.91
N MET A 131 30.11 -16.47 9.77
CA MET A 131 28.68 -16.56 9.45
C MET A 131 28.18 -15.30 8.77
N LEU A 132 26.94 -15.34 8.29
CA LEU A 132 26.33 -14.17 7.64
C LEU A 132 24.82 -14.21 7.87
N ILE A 133 24.18 -13.04 7.80
CA ILE A 133 22.74 -12.95 8.01
C ILE A 133 22.03 -12.43 6.77
N GLU A 134 20.94 -13.09 6.39
CA GLU A 134 20.15 -12.68 5.22
C GLU A 134 18.69 -12.47 5.61
N ARG A 135 17.92 -11.84 4.72
CA ARG A 135 16.49 -11.62 4.94
C ARG A 135 15.71 -11.45 3.64
N SER A 136 14.39 -11.56 3.76
CA SER A 136 13.50 -11.43 2.61
C SER A 136 12.26 -10.62 2.96
N SER A 137 11.87 -9.75 2.02
CA SER A 137 10.68 -8.92 2.17
C SER A 137 9.63 -9.58 1.32
N ASP A 138 10.06 -10.08 0.17
CA ASP A 138 9.20 -10.75 -0.79
C ASP A 138 9.11 -12.24 -0.46
N PHE A 139 8.51 -12.56 0.68
CA PHE A 139 8.37 -13.95 1.14
C PHE A 139 9.27 -14.99 0.47
N GLY A 140 10.42 -15.26 1.09
CA GLY A 140 11.37 -16.24 0.59
C GLY A 140 11.55 -16.35 -0.91
N LYS A 141 11.62 -15.21 -1.59
CA LYS A 141 11.81 -15.25 -3.04
C LYS A 141 13.19 -14.67 -3.36
N ALA A 142 13.39 -13.41 -2.99
CA ALA A 142 14.66 -12.72 -3.19
C ALA A 142 15.28 -12.66 -1.78
N TRP A 143 16.60 -12.64 -1.67
CA TRP A 143 17.24 -12.59 -0.35
C TRP A 143 18.37 -11.58 -0.30
N GLY A 144 18.32 -10.70 0.69
CA GLY A 144 19.36 -9.70 0.83
C GLY A 144 20.35 -10.11 1.92
N VAL A 145 21.56 -9.59 1.85
CA VAL A 145 22.57 -9.95 2.85
C VAL A 145 22.84 -8.81 3.82
N TYR A 146 22.23 -8.87 5.00
CA TYR A 146 22.41 -7.85 6.03
C TYR A 146 23.89 -7.60 6.33
N ARG A 147 24.62 -8.67 6.63
CA ARG A 147 26.04 -8.51 6.98
C ARG A 147 26.80 -9.84 7.11
N TYR A 148 28.13 -9.77 7.10
CA TYR A 148 28.97 -10.95 7.27
C TYR A 148 29.71 -10.84 8.60
N PHE A 149 30.23 -11.97 9.08
CA PHE A 149 30.99 -12.01 10.33
C PHE A 149 32.09 -13.04 10.13
N ALA A 150 33.24 -12.83 10.74
CA ALA A 150 34.34 -13.80 10.59
C ALA A 150 35.50 -13.48 11.53
N TYR A 151 36.50 -14.36 11.53
CA TYR A 151 37.69 -14.20 12.36
C TYR A 151 38.78 -13.80 11.39
N ASP A 152 38.52 -14.11 10.12
CA ASP A 152 39.44 -13.81 9.05
C ASP A 152 38.61 -13.33 7.86
N CYS A 153 38.09 -12.12 7.97
CA CYS A 153 37.25 -11.52 6.95
C CYS A 153 37.81 -11.65 5.53
N GLU A 154 39.07 -12.05 5.42
CA GLU A 154 39.68 -12.16 4.11
C GLU A 154 39.76 -13.58 3.54
N SER A 155 39.94 -14.58 4.40
CA SER A 155 40.01 -15.96 3.92
C SER A 155 38.62 -16.49 3.65
N SER A 156 37.76 -16.38 4.66
CA SER A 156 36.38 -16.86 4.56
C SER A 156 35.48 -16.03 3.65
N PHE A 157 35.63 -14.71 3.69
CA PHE A 157 34.81 -13.81 2.87
C PHE A 157 35.68 -12.85 2.04
N PRO A 158 36.30 -13.35 0.97
CA PRO A 158 37.14 -12.53 0.11
C PRO A 158 36.31 -11.62 -0.78
N GLY A 159 36.67 -10.34 -0.81
CA GLY A 159 35.95 -9.39 -1.63
C GLY A 159 35.11 -8.43 -0.81
N ILE A 160 34.41 -8.96 0.18
CA ILE A 160 33.56 -8.15 1.05
C ILE A 160 34.44 -7.17 1.81
N SER A 161 33.93 -5.95 2.01
CA SER A 161 34.68 -4.90 2.71
C SER A 161 34.74 -5.07 4.23
N THR A 162 35.77 -4.47 4.84
CA THR A 162 35.95 -4.53 6.28
C THR A 162 35.74 -3.10 6.78
N GLY A 163 36.86 -2.47 7.14
CA GLY A 163 36.88 -1.09 7.62
C GLY A 163 35.56 -0.44 8.00
N PRO A 164 35.40 0.85 7.66
CA PRO A 164 34.20 1.63 7.97
C PRO A 164 33.10 1.60 6.89
N MET A 165 31.90 2.01 7.28
CA MET A 165 30.74 2.06 6.38
C MET A 165 30.52 3.42 5.77
N LYS A 166 30.53 3.47 4.43
CA LYS A 166 30.34 4.72 3.70
C LYS A 166 28.85 5.12 3.59
N LYS A 167 27.94 4.22 3.98
CA LYS A 167 26.50 4.50 3.94
C LYS A 167 25.78 3.64 4.98
N VAL A 168 24.57 4.04 5.37
CA VAL A 168 23.85 3.29 6.39
C VAL A 168 23.37 1.93 5.95
N ASP A 169 23.63 1.58 4.68
CA ASP A 169 23.20 0.31 4.12
C ASP A 169 24.34 -0.47 3.47
N ASP A 170 25.57 -0.08 3.76
CA ASP A 170 26.74 -0.75 3.19
C ASP A 170 26.91 -2.15 3.77
N ILE A 171 27.00 -3.13 2.89
CA ILE A 171 27.19 -4.50 3.32
C ILE A 171 28.68 -4.65 3.64
N ILE A 172 29.01 -5.06 4.86
CA ILE A 172 30.42 -5.23 5.23
C ILE A 172 30.69 -6.58 5.90
N CYS A 173 31.87 -6.68 6.51
CA CYS A 173 32.27 -7.88 7.23
C CYS A 173 32.72 -7.42 8.61
N ASP A 174 31.92 -7.76 9.62
CA ASP A 174 32.21 -7.40 10.98
C ASP A 174 33.19 -8.45 11.51
N SER A 175 33.57 -8.35 12.78
CA SER A 175 34.51 -9.28 13.35
C SER A 175 34.61 -9.18 14.86
N ARG A 176 33.91 -8.20 15.42
CA ARG A 176 33.93 -7.94 16.85
C ARG A 176 33.16 -9.00 17.64
N TYR A 177 32.57 -9.95 16.92
CA TYR A 177 31.76 -10.98 17.56
C TYR A 177 32.17 -12.37 17.12
N SER A 178 33.18 -12.43 16.28
CA SER A 178 33.64 -13.70 15.76
C SER A 178 34.96 -14.18 16.34
N ASP A 179 35.17 -13.98 17.64
CA ASP A 179 36.42 -14.40 18.31
C ASP A 179 36.42 -15.88 18.63
N ILE A 180 36.80 -16.15 19.88
CA ILE A 180 36.87 -17.50 20.42
C ILE A 180 36.82 -17.23 21.90
N GLU A 181 37.80 -16.46 22.32
CA GLU A 181 37.99 -16.05 23.70
C GLU A 181 36.81 -16.26 24.67
N PRO A 182 35.59 -15.81 24.31
CA PRO A 182 34.46 -16.00 25.24
C PRO A 182 33.87 -17.42 25.30
N SER A 183 34.69 -18.34 25.82
CA SER A 183 34.39 -19.78 26.00
C SER A 183 32.94 -20.22 25.81
N THR A 184 32.02 -19.57 26.52
CA THR A 184 30.61 -19.88 26.47
C THR A 184 29.81 -18.59 26.57
N GLU A 185 28.50 -18.70 26.40
CA GLU A 185 27.60 -17.57 26.49
C GLU A 185 28.02 -16.38 25.64
N GLY A 186 28.96 -16.62 24.73
CA GLY A 186 29.42 -15.57 23.83
C GLY A 186 28.22 -15.07 23.04
N GLU A 187 28.28 -13.83 22.57
CA GLU A 187 27.13 -13.28 21.83
C GLU A 187 27.46 -12.71 20.48
N VAL A 188 26.50 -12.83 19.57
CA VAL A 188 26.62 -12.24 18.24
C VAL A 188 25.53 -11.17 18.22
N ILE A 189 25.82 -10.00 17.65
CA ILE A 189 24.81 -8.96 17.60
C ILE A 189 24.76 -8.23 16.24
N PHE A 190 23.54 -7.89 15.83
CA PHE A 190 23.34 -7.19 14.58
C PHE A 190 22.24 -6.17 14.72
N ARG A 191 22.49 -4.98 14.19
CA ARG A 191 21.51 -3.91 14.25
C ARG A 191 21.27 -3.39 12.84
N ALA A 192 19.99 -3.35 12.45
CA ALA A 192 19.61 -2.90 11.12
C ALA A 192 20.12 -1.50 10.81
N LEU A 193 19.84 -0.57 11.71
CA LEU A 193 20.29 0.78 11.55
C LEU A 193 21.57 0.98 12.34
N ASP A 194 22.71 0.87 11.65
CA ASP A 194 24.01 1.05 12.29
C ASP A 194 23.92 2.29 13.20
N PRO A 195 24.06 2.11 14.52
CA PRO A 195 23.99 3.21 15.49
C PRO A 195 24.80 4.43 15.07
N ALA A 196 25.87 4.15 14.33
CA ALA A 196 26.80 5.15 13.84
C ALA A 196 26.21 5.98 12.71
N PHE A 197 24.92 6.21 12.76
CA PHE A 197 24.24 7.00 11.76
C PHE A 197 23.07 7.79 12.32
N LYS A 198 22.72 8.85 11.60
CA LYS A 198 21.60 9.70 11.97
C LYS A 198 20.55 9.44 10.92
N ILE A 199 19.46 8.82 11.33
CA ILE A 199 18.40 8.51 10.41
C ILE A 199 17.68 9.80 10.11
N GLU A 200 18.07 10.42 9.00
CA GLU A 200 17.48 11.67 8.54
C GLU A 200 15.99 11.42 8.34
N ASP A 201 15.65 10.86 7.19
CA ASP A 201 14.26 10.58 6.86
C ASP A 201 13.86 9.12 7.07
N PRO A 202 13.12 8.86 8.15
CA PRO A 202 12.63 7.55 8.53
C PRO A 202 11.96 6.74 7.44
N TYR A 203 10.91 7.30 6.85
CA TYR A 203 10.17 6.57 5.84
C TYR A 203 10.79 6.55 4.46
N SER A 204 12.06 6.94 4.37
CA SER A 204 12.77 6.95 3.08
C SER A 204 12.90 5.52 2.49
N PRO A 205 13.22 5.44 1.20
CA PRO A 205 13.35 4.13 0.55
C PRO A 205 14.42 3.20 1.18
N ARG A 206 15.57 3.75 1.53
CA ARG A 206 16.62 2.92 2.11
C ARG A 206 16.45 2.58 3.58
N ILE A 207 16.01 3.53 4.41
CA ILE A 207 15.82 3.18 5.81
C ILE A 207 14.67 2.18 5.90
N GLN A 208 13.86 2.09 4.86
CA GLN A 208 12.76 1.14 4.84
C GLN A 208 13.21 -0.26 4.42
N ASN A 209 14.03 -0.34 3.36
CA ASN A 209 14.52 -1.64 2.90
C ASN A 209 15.50 -2.28 3.90
N LEU A 210 15.54 -1.74 5.11
CA LEU A 210 16.39 -2.28 6.14
C LEU A 210 15.53 -2.89 7.23
N LEU A 211 14.37 -2.30 7.48
CA LEU A 211 13.48 -2.81 8.51
C LEU A 211 12.46 -3.82 8.00
N LYS A 212 12.07 -3.65 6.73
CA LYS A 212 11.10 -4.52 6.10
C LYS A 212 11.61 -5.96 6.18
N ILE A 213 10.83 -6.83 6.79
CA ILE A 213 11.25 -8.23 6.95
C ILE A 213 10.11 -9.23 7.09
N THR A 214 10.18 -10.33 6.33
CA THR A 214 9.17 -11.40 6.45
C THR A 214 9.91 -12.71 6.73
N ASN A 215 11.17 -12.77 6.31
CA ASN A 215 11.96 -13.98 6.50
C ASN A 215 13.40 -13.71 6.87
N LEU A 216 13.76 -14.13 8.08
CA LEU A 216 15.10 -13.97 8.60
C LEU A 216 15.83 -15.27 8.39
N ARG A 217 17.11 -15.18 8.05
CA ARG A 217 17.91 -16.38 7.82
C ARG A 217 19.38 -16.20 8.24
N ILE A 218 19.85 -17.09 9.12
CA ILE A 218 21.22 -17.06 9.65
C ILE A 218 22.03 -18.22 9.10
N LYS A 219 23.11 -17.93 8.37
CA LYS A 219 23.93 -18.99 7.80
C LYS A 219 25.32 -19.09 8.40
N PHE A 220 25.59 -20.22 9.03
CA PHE A 220 26.88 -20.51 9.64
C PHE A 220 27.71 -21.13 8.54
N VAL A 221 29.01 -20.80 8.46
CA VAL A 221 29.86 -21.36 7.41
C VAL A 221 31.23 -21.83 7.86
N LYS A 222 31.55 -21.64 9.13
CA LYS A 222 32.84 -22.05 9.64
C LYS A 222 32.77 -22.31 11.13
N LEU A 223 33.40 -23.42 11.54
CA LEU A 223 33.46 -23.83 12.93
C LEU A 223 34.88 -23.66 13.44
N HIS A 224 35.01 -23.25 14.69
CA HIS A 224 36.32 -23.09 15.32
C HIS A 224 36.85 -24.47 15.76
N THR A 225 37.86 -24.97 15.05
CA THR A 225 38.46 -26.27 15.35
C THR A 225 39.68 -26.22 16.28
N LEU A 226 40.18 -25.01 16.56
CA LEU A 226 41.34 -24.88 17.44
C LEU A 226 42.53 -25.70 16.92
N GLY A 227 42.66 -25.82 15.61
CA GLY A 227 43.77 -26.58 15.05
C GLY A 227 43.40 -27.89 14.38
N ASP A 228 42.68 -28.76 15.11
CA ASP A 228 42.29 -30.06 14.58
C ASP A 228 41.61 -29.96 13.22
N ASN A 229 41.99 -30.81 12.28
CA ASN A 229 41.42 -30.80 10.94
C ASN A 229 40.27 -31.80 10.81
N LEU A 230 39.05 -31.31 10.99
CA LEU A 230 37.86 -32.14 10.90
C LEU A 230 37.92 -33.00 9.63
N LEU A 231 38.72 -32.56 8.67
CA LEU A 231 38.89 -33.26 7.39
C LEU A 231 39.26 -34.73 7.58
N ASP A 232 38.30 -35.63 7.32
CA ASP A 232 38.52 -37.07 7.49
C ASP A 232 39.23 -37.37 8.82
N SER A 233 38.52 -37.16 9.94
CA SER A 233 39.08 -37.38 11.28
C SER A 233 38.26 -38.37 12.13
N ARG A 234 38.86 -38.87 13.20
CA ARG A 234 38.19 -39.81 14.10
C ARG A 234 37.02 -39.12 14.79
N MET A 235 35.94 -39.85 15.00
CA MET A 235 34.77 -39.29 15.67
C MET A 235 35.18 -38.76 17.04
N GLU A 236 36.47 -38.88 17.36
CA GLU A 236 36.99 -38.42 18.65
C GLU A 236 37.38 -36.95 18.61
N ILE A 237 37.73 -36.48 17.42
CA ILE A 237 38.12 -35.09 17.22
C ILE A 237 36.95 -34.18 16.87
N ARG A 238 36.02 -34.68 16.06
CA ARG A 238 34.84 -33.91 15.63
C ARG A 238 33.76 -33.82 16.71
N GLU A 239 33.69 -34.85 17.54
CA GLU A 239 32.69 -34.91 18.60
C GLU A 239 32.71 -33.74 19.59
N LYS A 240 33.56 -32.75 19.31
CA LYS A 240 33.68 -31.59 20.18
C LYS A 240 33.50 -30.26 19.47
N TYR A 241 33.25 -30.31 18.16
CA TYR A 241 33.05 -29.11 17.38
C TYR A 241 31.68 -29.07 16.73
N TYR A 242 30.89 -28.07 17.13
CA TYR A 242 29.54 -27.94 16.63
C TYR A 242 28.96 -26.61 17.12
N TYR A 243 27.94 -26.09 16.42
CA TYR A 243 27.29 -24.85 16.84
C TYR A 243 26.19 -25.22 17.81
N ALA A 244 26.07 -24.47 18.90
CA ALA A 244 25.03 -24.70 19.88
C ALA A 244 24.60 -23.30 20.29
N VAL A 245 23.30 -23.09 20.43
CA VAL A 245 22.76 -21.79 20.76
C VAL A 245 21.75 -21.84 21.91
N TYR A 246 22.07 -21.19 23.03
CA TYR A 246 21.20 -21.17 24.20
C TYR A 246 19.85 -20.56 23.90
N ASP A 247 19.86 -19.41 23.25
CA ASP A 247 18.64 -18.72 22.87
C ASP A 247 18.96 -17.54 21.99
N MET A 248 17.92 -16.98 21.38
CA MET A 248 18.10 -15.84 20.51
C MET A 248 16.81 -15.03 20.43
N VAL A 249 16.95 -13.71 20.49
CA VAL A 249 15.79 -12.82 20.39
C VAL A 249 15.90 -12.09 19.09
N VAL A 250 14.73 -11.87 18.48
CA VAL A 250 14.63 -11.12 17.24
C VAL A 250 13.69 -10.00 17.62
N ARG A 251 14.29 -8.88 17.99
CA ARG A 251 13.59 -7.67 18.40
C ARG A 251 12.97 -6.98 17.19
N GLY A 252 11.72 -6.56 17.32
CA GLY A 252 11.06 -5.89 16.20
C GLY A 252 9.63 -5.46 16.50
N ASN A 253 8.90 -5.10 15.47
CA ASN A 253 7.51 -4.67 15.64
C ASN A 253 6.71 -4.74 14.35
N CYS A 254 5.42 -4.53 14.53
CA CYS A 254 4.41 -4.55 13.46
C CYS A 254 4.23 -3.09 13.02
N PHE A 255 4.63 -2.77 11.78
CA PHE A 255 4.55 -1.38 11.35
C PHE A 255 3.25 -0.92 10.71
N CYS A 256 2.81 0.26 11.15
CA CYS A 256 1.56 0.83 10.67
C CYS A 256 1.63 2.31 10.28
N TYR A 257 2.84 2.78 9.98
CA TYR A 257 3.07 4.17 9.58
C TYR A 257 2.44 5.21 10.48
N GLY A 258 2.39 4.95 11.79
CA GLY A 258 1.82 5.92 12.72
C GLY A 258 0.32 5.87 12.84
N HIS A 259 -0.33 5.09 11.99
CA HIS A 259 -1.79 5.00 11.99
C HIS A 259 -2.50 3.96 12.86
N ALA A 260 -1.75 3.21 13.67
CA ALA A 260 -2.34 2.19 14.54
C ALA A 260 -1.61 2.13 15.86
N SER A 261 -2.36 1.83 16.91
CA SER A 261 -1.80 1.75 18.27
C SER A 261 -1.57 0.32 18.76
N GLU A 262 -2.15 -0.64 18.06
CA GLU A 262 -2.03 -2.03 18.46
C GLU A 262 -2.32 -2.94 17.28
N CYS A 263 -1.62 -4.07 17.21
CA CYS A 263 -1.84 -5.03 16.12
C CYS A 263 -2.62 -6.24 16.61
N ALA A 264 -3.52 -6.75 15.78
CA ALA A 264 -4.33 -7.90 16.13
C ALA A 264 -3.81 -9.15 15.43
N PRO A 265 -4.23 -10.33 15.91
CA PRO A 265 -3.81 -11.61 15.33
C PRO A 265 -4.04 -11.66 13.82
N VAL A 266 -3.08 -12.21 13.09
CA VAL A 266 -3.20 -12.31 11.63
C VAL A 266 -4.03 -13.51 11.15
N VAL A 273 -2.32 -15.87 23.67
CA VAL A 273 -0.87 -16.04 23.79
C VAL A 273 -0.32 -14.92 24.67
N GLU A 274 1.00 -14.88 24.89
CA GLU A 274 1.59 -13.85 25.73
C GLU A 274 2.99 -13.36 25.35
N GLY A 275 3.14 -12.03 25.28
CA GLY A 275 4.39 -11.41 24.92
C GLY A 275 4.61 -11.41 23.41
N MET A 276 3.66 -12.01 22.70
CA MET A 276 3.71 -12.14 21.25
C MET A 276 3.40 -10.85 20.49
N VAL A 277 4.14 -10.65 19.41
CA VAL A 277 3.99 -9.51 18.55
C VAL A 277 3.06 -9.95 17.44
N HIS A 278 1.90 -9.30 17.33
CA HIS A 278 0.91 -9.64 16.31
C HIS A 278 1.18 -8.88 15.02
N GLY A 279 0.65 -9.38 13.90
CA GLY A 279 0.93 -8.73 12.63
C GLY A 279 -0.18 -8.02 11.88
N HIS A 280 -1.36 -7.90 12.47
CA HIS A 280 -2.42 -7.22 11.76
C HIS A 280 -2.63 -5.85 12.37
N CYS A 281 -2.44 -4.80 11.56
CA CYS A 281 -2.61 -3.44 12.08
C CYS A 281 -4.09 -3.16 12.30
N MET A 282 -4.41 -2.58 13.46
CA MET A 282 -5.79 -2.21 13.78
C MET A 282 -5.83 -0.74 13.36
N CYS A 283 -5.74 -0.50 12.05
CA CYS A 283 -5.71 0.85 11.53
C CYS A 283 -6.73 1.81 12.10
N ARG A 284 -6.41 3.09 11.97
CA ARG A 284 -7.28 4.18 12.41
C ARG A 284 -6.99 5.32 11.45
N HIS A 285 -7.55 6.49 11.68
CA HIS A 285 -7.28 7.62 10.79
C HIS A 285 -7.81 7.39 9.37
N ASN A 286 -8.89 6.64 9.23
CA ASN A 286 -9.47 6.37 7.91
C ASN A 286 -8.49 5.67 6.96
N THR A 287 -7.56 4.91 7.53
CA THR A 287 -6.59 4.18 6.74
C THR A 287 -7.00 2.74 6.80
N LYS A 288 -6.60 1.99 5.80
CA LYS A 288 -6.92 0.59 5.75
C LYS A 288 -5.77 -0.08 5.01
N GLY A 289 -5.49 -1.32 5.40
CA GLY A 289 -4.42 -2.07 4.80
C GLY A 289 -3.80 -2.93 5.88
N LEU A 290 -2.90 -3.81 5.49
CA LEU A 290 -2.26 -4.64 6.49
C LEU A 290 -1.32 -3.76 7.30
N ASN A 291 -0.83 -2.71 6.66
CA ASN A 291 0.06 -1.77 7.30
C ASN A 291 -0.49 -0.36 7.26
N CYS A 292 -1.77 -0.23 6.91
CA CYS A 292 -2.46 1.06 6.82
C CYS A 292 -1.79 1.98 5.82
N GLU A 293 -1.26 1.42 4.74
CA GLU A 293 -0.58 2.23 3.75
C GLU A 293 -1.57 2.69 2.70
N LEU A 294 -2.84 2.37 2.91
CA LEU A 294 -3.86 2.74 1.97
C LEU A 294 -4.91 3.61 2.63
N CYS A 295 -5.72 4.27 1.80
CA CYS A 295 -6.79 5.09 2.32
C CYS A 295 -8.11 4.33 2.27
N MET A 296 -8.81 4.32 3.41
CA MET A 296 -10.11 3.65 3.53
C MET A 296 -10.89 4.07 2.30
N ASP A 297 -11.91 3.32 1.91
CA ASP A 297 -12.65 3.70 0.71
C ASP A 297 -13.44 5.00 0.76
N PHE A 298 -13.35 5.75 -0.33
CA PHE A 298 -14.04 7.03 -0.45
C PHE A 298 -13.37 8.16 0.34
N TYR A 299 -12.19 7.89 0.91
CA TYR A 299 -11.47 8.90 1.66
C TYR A 299 -10.23 9.32 0.90
N HIS A 300 -10.39 9.46 -0.41
CA HIS A 300 -9.26 9.85 -1.23
C HIS A 300 -9.24 11.32 -1.57
N ASP A 301 -9.56 12.20 -0.62
CA ASP A 301 -9.51 13.60 -0.99
C ASP A 301 -8.14 14.26 -0.77
N LEU A 302 -7.31 13.64 0.05
CA LEU A 302 -5.96 14.14 0.31
C LEU A 302 -5.09 12.94 0.05
N PRO A 303 -3.81 13.16 -0.26
CA PRO A 303 -2.86 12.07 -0.53
C PRO A 303 -2.43 11.31 0.72
N TRP A 304 -2.42 9.99 0.65
CA TRP A 304 -2.03 9.16 1.80
C TRP A 304 -0.67 9.57 2.31
N ARG A 305 -0.58 9.73 3.63
CA ARG A 305 0.66 10.12 4.31
C ARG A 305 0.75 9.47 5.67
N PRO A 306 1.96 9.20 6.16
CA PRO A 306 2.10 8.59 7.49
C PRO A 306 1.95 9.70 8.53
N ALA A 307 1.51 9.34 9.72
CA ALA A 307 1.34 10.31 10.78
C ALA A 307 2.72 10.74 11.29
N GLU A 308 2.75 11.86 12.03
CA GLU A 308 3.97 12.42 12.61
C GLU A 308 3.57 13.38 13.72
N GLY A 309 4.25 13.31 14.85
CA GLY A 309 3.91 14.21 15.94
C GLY A 309 2.42 14.14 16.23
N ARG A 310 1.79 15.29 16.42
CA ARG A 310 0.35 15.29 16.69
C ARG A 310 -0.43 15.32 15.38
N ASN A 311 0.26 15.21 14.25
CA ASN A 311 -0.44 15.24 12.97
C ASN A 311 -0.87 13.86 12.53
N SER A 312 -2.17 13.59 12.52
CA SER A 312 -2.64 12.29 12.07
C SER A 312 -2.53 12.12 10.56
N ASN A 313 -2.69 13.19 9.80
CA ASN A 313 -2.62 13.12 8.33
C ASN A 313 -3.67 12.12 7.85
N ALA A 314 -4.76 12.08 8.61
CA ALA A 314 -5.87 11.18 8.32
C ALA A 314 -6.43 11.38 6.93
N CYS A 315 -6.70 10.28 6.24
CA CYS A 315 -7.27 10.34 4.90
C CYS A 315 -8.54 11.16 4.99
N LYS A 316 -8.78 11.98 3.98
CA LYS A 316 -9.94 12.86 3.94
C LYS A 316 -11.09 12.38 3.04
N LYS A 317 -12.28 12.40 3.60
CA LYS A 317 -13.47 11.95 2.89
C LYS A 317 -13.78 12.78 1.64
N CYS A 318 -14.14 12.09 0.56
CA CYS A 318 -14.49 12.74 -0.70
C CYS A 318 -15.85 13.42 -0.60
N ASN A 319 -16.12 14.39 -1.47
CA ASN A 319 -17.41 15.04 -1.47
C ASN A 319 -17.97 14.95 -2.86
N CYS A 320 -19.04 14.20 -3.04
CA CYS A 320 -19.65 14.08 -4.37
C CYS A 320 -21.06 14.57 -4.37
N ASN A 321 -21.35 15.39 -3.34
CA ASN A 321 -22.67 15.99 -3.13
C ASN A 321 -23.74 14.92 -3.12
N GLU A 322 -23.34 13.70 -2.79
CA GLU A 322 -24.27 12.61 -2.75
C GLU A 322 -24.82 12.18 -4.10
N HIS A 323 -23.92 11.98 -5.06
CA HIS A 323 -24.34 11.53 -6.39
C HIS A 323 -23.42 10.42 -6.80
N SER A 324 -22.64 9.96 -5.83
CA SER A 324 -21.71 8.87 -6.01
C SER A 324 -21.16 8.50 -4.67
N SER A 325 -20.26 7.52 -4.69
CA SER A 325 -19.61 7.05 -3.47
C SER A 325 -18.37 6.29 -3.91
N SER A 326 -17.97 6.56 -5.15
CA SER A 326 -16.78 5.96 -5.73
C SER A 326 -15.99 7.17 -6.19
N CYS A 327 -14.80 7.36 -5.62
CA CYS A 327 -13.96 8.49 -6.00
C CYS A 327 -12.53 8.04 -5.94
N HIS A 328 -11.63 8.77 -6.59
CA HIS A 328 -10.22 8.42 -6.51
C HIS A 328 -9.41 9.70 -6.34
N PHE A 329 -8.15 9.56 -5.95
CA PHE A 329 -7.27 10.71 -5.77
C PHE A 329 -6.41 10.96 -7.00
N ASP A 330 -6.38 12.20 -7.46
CA ASP A 330 -5.58 12.56 -8.60
C ASP A 330 -4.64 13.68 -8.18
N MET A 331 -3.34 13.38 -8.17
CA MET A 331 -2.30 14.33 -7.78
C MET A 331 -2.28 15.64 -8.58
N ALA A 332 -2.48 15.55 -9.89
CA ALA A 332 -2.48 16.75 -10.74
C ALA A 332 -3.46 17.78 -10.17
N VAL A 333 -4.70 17.33 -10.02
CA VAL A 333 -5.80 18.11 -9.47
C VAL A 333 -5.44 18.66 -8.09
N PHE A 334 -4.87 17.80 -7.26
CA PHE A 334 -4.47 18.19 -5.91
C PHE A 334 -3.61 19.43 -5.92
N LEU A 335 -2.59 19.42 -6.78
CA LEU A 335 -1.65 20.52 -6.92
C LEU A 335 -2.35 21.70 -7.60
N ALA A 336 -3.23 21.36 -8.53
CA ALA A 336 -3.92 22.40 -9.27
C ALA A 336 -4.76 23.27 -8.35
N THR A 337 -5.17 22.71 -7.21
CA THR A 337 -5.98 23.46 -6.25
C THR A 337 -5.10 24.06 -5.16
N GLY A 338 -3.80 23.87 -5.28
CA GLY A 338 -2.89 24.39 -4.29
C GLY A 338 -2.83 23.50 -3.08
N ASN A 339 -2.78 22.19 -3.31
CA ASN A 339 -2.76 21.23 -2.22
C ASN A 339 -3.96 21.50 -1.31
N VAL A 340 -5.16 21.48 -1.88
CA VAL A 340 -6.37 21.73 -1.12
C VAL A 340 -7.24 20.49 -1.16
N SER A 341 -7.37 19.96 -2.36
CA SER A 341 -8.16 18.77 -2.57
C SER A 341 -7.84 18.12 -3.89
N GLY A 342 -7.90 16.80 -3.90
CA GLY A 342 -7.62 16.08 -5.12
C GLY A 342 -8.51 14.89 -5.38
N GLY A 343 -9.69 14.87 -4.79
CA GLY A 343 -10.53 13.74 -5.03
C GLY A 343 -11.45 14.03 -6.20
N VAL A 344 -11.61 13.06 -7.10
CA VAL A 344 -12.53 13.23 -8.21
C VAL A 344 -13.52 12.08 -8.08
N CYS A 345 -14.80 12.37 -8.32
CA CYS A 345 -15.84 11.36 -8.18
C CYS A 345 -15.97 10.51 -9.43
N ASP A 346 -16.35 9.25 -9.22
CA ASP A 346 -16.52 8.27 -10.30
C ASP A 346 -17.98 7.89 -10.43
N ASN A 347 -18.41 7.75 -11.67
CA ASN A 347 -19.79 7.36 -11.99
C ASN A 347 -20.85 8.18 -11.29
N CYS A 348 -20.86 9.48 -11.57
CA CYS A 348 -21.84 10.38 -11.00
C CYS A 348 -23.23 9.92 -11.41
N GLN A 349 -24.07 9.72 -10.42
CA GLN A 349 -25.44 9.28 -10.64
C GLN A 349 -26.35 10.49 -10.76
N HIS A 350 -27.62 10.24 -11.05
CA HIS A 350 -28.62 11.30 -11.15
C HIS A 350 -28.36 12.27 -12.29
N ASN A 351 -27.59 11.85 -13.28
CA ASN A 351 -27.32 12.72 -14.42
C ASN A 351 -26.50 13.95 -14.06
N THR A 352 -25.82 13.89 -12.92
CA THR A 352 -24.97 15.01 -12.52
C THR A 352 -23.64 14.80 -13.24
N MET A 353 -22.68 15.66 -12.95
CA MET A 353 -21.40 15.55 -13.60
C MET A 353 -20.42 16.45 -12.89
N GLY A 354 -19.17 16.40 -13.28
CA GLY A 354 -18.17 17.22 -12.62
C GLY A 354 -17.33 16.40 -11.67
N ARG A 355 -16.19 16.97 -11.30
CA ARG A 355 -15.27 16.31 -10.40
C ARG A 355 -15.89 16.05 -9.02
N ASN A 356 -17.06 16.62 -8.76
CA ASN A 356 -17.71 16.41 -7.49
C ASN A 356 -19.19 16.23 -7.75
N CYS A 357 -19.51 16.01 -9.02
CA CYS A 357 -20.89 15.83 -9.47
C CYS A 357 -21.70 17.08 -9.10
N GLU A 358 -21.15 18.26 -9.37
CA GLU A 358 -21.80 19.51 -9.02
C GLU A 358 -22.43 20.27 -10.19
N GLN A 359 -22.57 19.58 -11.33
CA GLN A 359 -23.15 20.14 -12.55
C GLN A 359 -24.08 19.08 -13.11
N CYS A 360 -24.86 19.47 -14.11
CA CYS A 360 -25.76 18.54 -14.77
C CYS A 360 -25.25 18.23 -16.18
N LYS A 361 -25.43 16.98 -16.60
CA LYS A 361 -24.99 16.56 -17.92
C LYS A 361 -25.87 17.29 -18.90
N PRO A 362 -25.43 17.44 -20.15
CA PRO A 362 -26.23 18.12 -21.17
C PRO A 362 -27.66 17.58 -21.19
N PHE A 363 -28.58 18.39 -21.73
CA PHE A 363 -29.98 18.02 -21.82
C PHE A 363 -30.65 18.01 -20.48
N TYR A 364 -29.92 18.51 -19.49
CA TYR A 364 -30.44 18.61 -18.12
C TYR A 364 -30.01 19.99 -17.64
N PHE A 365 -30.68 20.48 -16.61
CA PHE A 365 -30.30 21.77 -16.08
C PHE A 365 -30.65 21.77 -14.61
N GLN A 366 -29.89 22.53 -13.84
CA GLN A 366 -30.12 22.61 -12.41
C GLN A 366 -31.37 23.40 -12.11
N HIS A 367 -32.27 22.80 -11.34
CA HIS A 367 -33.49 23.48 -10.93
C HIS A 367 -32.98 24.70 -10.16
N PRO A 368 -33.55 25.89 -10.43
CA PRO A 368 -33.13 27.13 -9.75
C PRO A 368 -33.18 27.06 -8.22
N GLU A 369 -34.16 26.30 -7.73
CA GLU A 369 -34.35 26.15 -6.28
C GLU A 369 -33.46 25.07 -5.66
N ARG A 370 -33.90 23.83 -5.82
CA ARG A 370 -33.25 22.62 -5.32
C ARG A 370 -31.83 22.72 -4.81
N ASP A 371 -31.55 21.89 -3.80
CA ASP A 371 -30.23 21.79 -3.18
C ASP A 371 -29.37 20.99 -4.15
N ILE A 372 -28.08 21.33 -4.24
CA ILE A 372 -27.20 20.62 -5.14
C ILE A 372 -27.03 19.15 -4.74
N ARG A 373 -27.54 18.81 -3.56
CA ARG A 373 -27.45 17.44 -3.06
C ARG A 373 -28.75 16.68 -3.35
N ASP A 374 -29.77 17.39 -3.82
CA ASP A 374 -31.07 16.80 -4.14
C ASP A 374 -30.92 15.74 -5.24
N PRO A 375 -31.58 14.58 -5.07
CA PRO A 375 -31.50 13.51 -6.06
C PRO A 375 -32.01 13.91 -7.45
N ASN A 376 -32.94 14.86 -7.48
CA ASN A 376 -33.51 15.32 -8.74
C ASN A 376 -33.07 16.72 -9.17
N LEU A 377 -31.99 17.19 -8.58
CA LEU A 377 -31.44 18.48 -8.92
C LEU A 377 -31.52 18.74 -10.42
N CYS A 378 -31.26 17.71 -11.21
CA CYS A 378 -31.26 17.86 -12.66
C CYS A 378 -32.51 17.52 -13.42
N GLU A 379 -33.03 18.55 -14.10
CA GLU A 379 -34.23 18.46 -14.93
C GLU A 379 -33.84 18.31 -16.38
N PRO A 380 -34.66 17.59 -17.18
CA PRO A 380 -34.40 17.36 -18.60
C PRO A 380 -34.86 18.58 -19.37
N CYS A 381 -34.20 18.89 -20.48
CA CYS A 381 -34.62 20.06 -21.25
C CYS A 381 -36.00 19.79 -21.83
N THR A 382 -36.57 20.81 -22.46
CA THR A 382 -37.88 20.70 -23.08
C THR A 382 -37.79 21.31 -24.46
N CYS A 383 -36.58 21.63 -24.90
CA CYS A 383 -36.35 22.23 -26.20
C CYS A 383 -36.66 21.29 -27.34
N ASP A 384 -37.43 21.75 -28.31
CA ASP A 384 -37.71 20.90 -29.45
C ASP A 384 -36.46 20.89 -30.31
N PRO A 385 -35.79 19.74 -30.41
CA PRO A 385 -34.57 19.62 -31.20
C PRO A 385 -34.58 20.25 -32.60
N ALA A 386 -35.67 20.10 -33.34
CA ALA A 386 -35.72 20.65 -34.69
C ALA A 386 -35.55 22.16 -34.73
N GLY A 387 -36.24 22.87 -33.83
CA GLY A 387 -36.16 24.31 -33.81
C GLY A 387 -35.04 24.93 -32.99
N SER A 388 -34.50 24.17 -32.04
CA SER A 388 -33.43 24.70 -31.20
C SER A 388 -32.06 24.66 -31.86
N GLU A 389 -31.12 25.28 -31.17
CA GLU A 389 -29.75 25.32 -31.65
C GLU A 389 -28.99 24.45 -30.67
N ASN A 390 -27.99 23.74 -31.16
CA ASN A 390 -27.18 22.84 -30.35
C ASN A 390 -27.96 21.61 -29.91
N GLY A 391 -28.58 20.95 -30.89
CA GLY A 391 -29.34 19.76 -30.62
C GLY A 391 -30.43 19.91 -29.60
N GLY A 392 -30.59 21.11 -29.04
CA GLY A 392 -31.62 21.29 -28.05
C GLY A 392 -31.06 21.20 -26.66
N ILE A 393 -29.77 21.51 -26.50
CA ILE A 393 -29.18 21.50 -25.17
C ILE A 393 -29.56 22.83 -24.59
N CYS A 394 -30.12 22.82 -23.39
CA CYS A 394 -30.52 24.05 -22.76
C CYS A 394 -29.41 24.56 -21.87
N ASP A 395 -29.62 25.73 -21.28
CA ASP A 395 -28.63 26.30 -20.40
C ASP A 395 -28.63 25.38 -19.18
N GLY A 396 -27.44 25.01 -18.71
CA GLY A 396 -27.35 24.10 -17.58
C GLY A 396 -27.68 24.66 -16.22
N TYR A 397 -27.34 25.94 -15.99
CA TYR A 397 -27.59 26.59 -14.71
C TYR A 397 -27.81 28.07 -14.95
N THR A 398 -28.24 28.76 -13.90
CA THR A 398 -28.48 30.19 -13.98
C THR A 398 -27.19 30.94 -13.69
N ASP A 399 -27.00 32.07 -14.36
CA ASP A 399 -25.85 32.94 -14.18
C ASP A 399 -26.00 34.16 -15.06
N PHE A 400 -26.78 35.10 -14.59
CA PHE A 400 -27.08 36.32 -15.35
C PHE A 400 -25.85 36.89 -16.03
N SER A 401 -24.89 37.37 -15.23
CA SER A 401 -23.66 37.98 -15.75
C SER A 401 -23.12 37.46 -17.09
N VAL A 402 -23.50 36.25 -17.46
CA VAL A 402 -23.04 35.66 -18.72
C VAL A 402 -24.22 35.37 -19.67
N GLY A 403 -25.43 35.47 -19.16
CA GLY A 403 -26.59 35.24 -19.98
C GLY A 403 -27.01 33.79 -19.93
N LEU A 404 -27.08 33.26 -18.73
CA LEU A 404 -27.47 31.87 -18.56
C LEU A 404 -28.69 31.75 -17.68
N ILE A 405 -29.66 30.98 -18.15
CA ILE A 405 -30.86 30.75 -17.37
C ILE A 405 -31.16 29.27 -17.40
N ALA A 406 -31.43 28.71 -16.23
CA ALA A 406 -31.73 27.29 -16.13
C ALA A 406 -32.91 26.90 -17.01
N GLY A 407 -32.64 26.28 -18.16
CA GLY A 407 -33.73 25.88 -19.02
C GLY A 407 -33.69 26.58 -20.37
N GLN A 408 -33.68 27.89 -20.36
CA GLN A 408 -33.66 28.66 -21.60
C GLN A 408 -33.11 27.89 -22.80
N CYS A 409 -33.86 27.87 -23.90
CA CYS A 409 -33.41 27.18 -25.10
C CYS A 409 -32.90 28.21 -26.10
N ARG A 410 -32.02 27.78 -26.99
CA ARG A 410 -31.49 28.69 -28.01
C ARG A 410 -32.14 28.40 -29.35
N CYS A 411 -33.19 29.16 -29.64
CA CYS A 411 -33.96 28.98 -30.85
C CYS A 411 -33.16 29.38 -32.07
N LYS A 412 -33.48 28.76 -33.19
CA LYS A 412 -32.81 29.06 -34.44
C LYS A 412 -33.34 30.42 -34.89
N LEU A 413 -32.76 30.95 -35.95
CA LEU A 413 -33.15 32.25 -36.48
C LEU A 413 -34.66 32.52 -36.61
N HIS A 414 -35.36 31.61 -37.31
CA HIS A 414 -36.79 31.77 -37.56
C HIS A 414 -37.71 30.90 -36.73
N VAL A 415 -37.42 30.77 -35.44
CA VAL A 415 -38.23 29.96 -34.56
C VAL A 415 -38.44 30.77 -33.28
N GLU A 416 -39.44 30.42 -32.48
CA GLU A 416 -39.64 31.13 -31.24
C GLU A 416 -40.40 30.26 -30.26
N GLY A 417 -40.63 30.76 -29.05
CA GLY A 417 -41.34 30.00 -28.03
C GLY A 417 -40.44 29.36 -26.99
N GLU A 418 -40.94 29.17 -25.78
CA GLU A 418 -40.13 28.56 -24.72
C GLU A 418 -39.38 27.32 -25.21
N ARG A 419 -40.05 26.50 -26.01
CA ARG A 419 -39.42 25.27 -26.51
C ARG A 419 -38.92 25.32 -27.94
N CYS A 420 -38.99 26.48 -28.57
CA CYS A 420 -38.53 26.63 -29.94
C CYS A 420 -39.19 25.62 -30.86
N ASP A 421 -40.51 25.53 -30.78
CA ASP A 421 -41.28 24.59 -31.57
C ASP A 421 -42.23 25.29 -32.50
N VAL A 422 -42.05 26.61 -32.63
CA VAL A 422 -42.90 27.46 -33.45
C VAL A 422 -42.17 28.29 -34.50
N CYS A 423 -42.84 28.51 -35.63
CA CYS A 423 -42.29 29.34 -36.70
C CYS A 423 -42.61 30.77 -36.44
N LYS A 424 -41.61 31.63 -36.62
CA LYS A 424 -41.85 33.05 -36.42
C LYS A 424 -42.73 33.47 -37.58
N GLU A 425 -43.59 34.44 -37.33
CA GLU A 425 -44.50 34.93 -38.35
C GLU A 425 -43.76 35.20 -39.64
N GLY A 426 -44.36 34.80 -40.75
CA GLY A 426 -43.74 35.00 -42.03
C GLY A 426 -42.98 33.79 -42.51
N PHE A 427 -42.89 32.76 -41.67
CA PHE A 427 -42.16 31.54 -42.04
C PHE A 427 -42.97 30.26 -41.83
N TYR A 428 -42.49 29.15 -42.38
CA TYR A 428 -43.18 27.87 -42.26
C TYR A 428 -42.26 26.66 -42.42
N ASP A 429 -42.81 25.49 -42.08
CA ASP A 429 -42.11 24.22 -42.20
C ASP A 429 -40.94 24.04 -41.23
N LEU A 430 -41.24 23.95 -39.93
CA LEU A 430 -40.19 23.76 -38.94
C LEU A 430 -39.51 22.41 -39.12
N SER A 431 -38.49 22.39 -39.97
CA SER A 431 -37.73 21.19 -40.26
C SER A 431 -36.38 21.24 -39.58
N ALA A 432 -36.09 20.22 -38.78
CA ALA A 432 -34.81 20.14 -38.09
C ALA A 432 -33.72 20.12 -39.14
N GLU A 433 -34.05 19.63 -40.31
CA GLU A 433 -33.11 19.53 -41.41
C GLU A 433 -32.44 20.82 -41.85
N ASP A 434 -32.82 21.95 -41.26
CA ASP A 434 -32.21 23.22 -41.67
C ASP A 434 -31.73 24.10 -40.53
N PRO A 435 -30.63 24.82 -40.75
CA PRO A 435 -30.01 25.72 -39.78
C PRO A 435 -30.88 26.75 -39.08
N TYR A 436 -31.82 27.35 -39.79
CA TYR A 436 -32.67 28.38 -39.17
C TYR A 436 -34.07 27.92 -38.77
N GLY A 437 -34.37 26.66 -39.01
CA GLY A 437 -35.67 26.13 -38.65
C GLY A 437 -36.77 26.26 -39.69
N CYS A 438 -37.35 27.45 -39.81
CA CYS A 438 -38.42 27.71 -40.77
C CYS A 438 -37.94 28.33 -42.07
N LYS A 439 -38.82 28.28 -43.06
CA LYS A 439 -38.54 28.82 -44.39
C LYS A 439 -39.47 30.01 -44.58
N SER A 440 -38.94 31.10 -45.11
CA SER A 440 -39.75 32.29 -45.33
C SER A 440 -40.94 32.00 -46.27
N CYS A 441 -42.13 32.46 -45.88
CA CYS A 441 -43.32 32.25 -46.69
C CYS A 441 -43.17 33.02 -48.00
N ALA A 442 -42.38 34.09 -47.93
CA ALA A 442 -42.11 34.96 -49.07
C ALA A 442 -43.42 35.51 -49.61
N CYS A 443 -44.28 35.95 -48.69
CA CYS A 443 -45.58 36.49 -49.05
C CYS A 443 -45.52 37.86 -49.69
N ASN A 444 -45.95 37.95 -50.95
CA ASN A 444 -45.94 39.22 -51.66
C ASN A 444 -46.67 40.29 -50.85
N PRO A 445 -45.98 41.41 -50.56
CA PRO A 445 -46.53 42.52 -49.80
C PRO A 445 -47.79 43.13 -50.41
N LEU A 446 -47.88 43.08 -51.73
CA LEU A 446 -49.02 43.64 -52.45
C LEU A 446 -50.32 42.83 -52.33
N GLY A 447 -50.29 41.60 -52.88
CA GLY A 447 -51.48 40.76 -52.88
C GLY A 447 -51.87 40.05 -51.60
N THR A 448 -51.20 40.39 -50.51
CA THR A 448 -51.49 39.74 -49.24
C THR A 448 -52.24 40.62 -48.24
N ILE A 449 -53.31 40.08 -47.69
CA ILE A 449 -54.08 40.79 -46.69
C ILE A 449 -53.10 41.27 -45.64
N PRO A 450 -53.03 42.58 -45.42
CA PRO A 450 -52.12 43.12 -44.41
C PRO A 450 -52.66 42.96 -42.99
N GLY A 451 -51.75 42.86 -42.01
CA GLY A 451 -52.15 42.69 -40.63
C GLY A 451 -52.01 41.25 -40.17
N GLY A 452 -51.51 41.04 -38.95
CA GLY A 452 -51.33 39.70 -38.41
C GLY A 452 -50.37 38.79 -39.19
N ASN A 453 -50.39 37.51 -38.87
CA ASN A 453 -49.53 36.54 -39.53
C ASN A 453 -49.98 36.38 -40.99
N PRO A 454 -49.09 36.62 -41.95
CA PRO A 454 -49.38 36.50 -43.39
C PRO A 454 -49.51 35.11 -43.99
N CYS A 455 -49.33 34.07 -43.20
CA CYS A 455 -49.41 32.72 -43.77
C CYS A 455 -49.52 31.54 -42.78
N ASP A 456 -49.81 30.36 -43.33
CA ASP A 456 -49.94 29.16 -42.51
C ASP A 456 -48.54 28.73 -42.11
N SER A 457 -48.36 28.42 -40.83
CA SER A 457 -47.06 27.99 -40.33
C SER A 457 -46.66 26.64 -40.91
N GLU A 458 -47.65 25.84 -41.29
CA GLU A 458 -47.41 24.53 -41.86
C GLU A 458 -47.28 24.63 -43.37
N THR A 459 -48.42 24.91 -44.00
CA THR A 459 -48.56 25.02 -45.45
C THR A 459 -47.71 26.05 -46.17
N GLY A 460 -47.39 27.13 -45.49
CA GLY A 460 -46.59 28.16 -46.13
C GLY A 460 -47.44 28.86 -47.17
N TYR A 461 -48.75 28.73 -47.00
CA TYR A 461 -49.71 29.36 -47.89
C TYR A 461 -50.14 30.71 -47.34
N CYS A 462 -49.83 31.78 -48.07
CA CYS A 462 -50.17 33.12 -47.64
C CYS A 462 -51.64 33.41 -47.77
N TYR A 463 -52.16 34.25 -46.87
CA TYR A 463 -53.57 34.64 -46.92
C TYR A 463 -53.69 35.78 -47.93
N CYS A 464 -54.27 35.48 -49.10
CA CYS A 464 -54.41 36.45 -50.16
C CYS A 464 -55.58 37.40 -50.14
N LYS A 465 -55.41 38.53 -50.79
CA LYS A 465 -56.46 39.52 -50.90
C LYS A 465 -57.44 38.93 -51.90
N ARG A 466 -58.57 39.60 -52.08
CA ARG A 466 -59.57 39.13 -53.01
C ARG A 466 -59.09 39.39 -54.44
N LEU A 467 -59.42 38.47 -55.34
CA LEU A 467 -59.02 38.58 -56.74
C LEU A 467 -57.57 38.17 -56.95
N VAL A 468 -56.93 37.73 -55.85
CA VAL A 468 -55.53 37.28 -55.86
C VAL A 468 -55.45 35.80 -55.40
N THR A 469 -54.56 35.02 -56.01
CA THR A 469 -54.43 33.61 -55.63
C THR A 469 -53.00 33.10 -55.78
N GLY A 470 -52.77 31.87 -55.30
CA GLY A 470 -51.45 31.27 -55.41
C GLY A 470 -50.47 31.53 -54.26
N GLN A 471 -50.07 30.43 -53.60
CA GLN A 471 -49.13 30.44 -52.49
C GLN A 471 -48.66 31.78 -51.93
N ARG A 472 -47.88 32.49 -52.72
CA ARG A 472 -47.29 33.76 -52.32
C ARG A 472 -48.08 35.03 -52.63
N CYS A 473 -49.37 34.87 -52.91
CA CYS A 473 -50.25 35.99 -53.24
C CYS A 473 -49.55 36.97 -54.16
N ASP A 474 -49.05 36.40 -55.27
CA ASP A 474 -48.33 37.14 -56.30
C ASP A 474 -49.15 37.10 -57.59
N GLN A 475 -49.78 35.97 -57.86
CA GLN A 475 -50.59 35.76 -59.06
C GLN A 475 -52.09 35.93 -58.75
N CYS A 476 -52.89 35.85 -59.72
#